data_5UUJ
#
_entry.id   5UUJ
#
_cell.length_a   78.921
_cell.length_b   78.921
_cell.length_c   139.401
_cell.angle_alpha   90.000
_cell.angle_beta   90.000
_cell.angle_gamma   120.000
#
_symmetry.space_group_name_H-M   'P 65'
#
loop_
_entity.id
_entity.type
_entity.pdbx_description
1 polymer AlkZ
2 water water
#
_entity_poly.entity_id   1
_entity_poly.type   'polypeptide(L)'
_entity_poly.pdbx_seq_one_letter_code
;GPGS(MSE)KASWRQVFAWR(MSE)QRQFLEPRTQPSASDVVGRLCGVQAQVWSVAELNVALRQAAPDRESVNREVADLS
L(MSE)KTWA(MSE)RGTLHLLRPSEAGPYLSL(MSE)ANTGSWLKPSWTRASGVTPRQVDELTEEVAGILDGVVLTRDE
LVTRLVADKRFVS(MSE)EERLRSGWGSVLKPLAWRGVLCHGPNRGNKITFTLPASQFGADWGK(MSE)PEPDEAAPTVI
KAYLGAYGPATIETFDRWLSLNSTSKPKLRKWFGD(MSE)GDELTEVDVEGRKAFVLTEHAEELAATAPCTGIRLLGGFD
QYLLGPGTKDEVVLAPEHRSAVSRAAGWISPVVVKDGRVVGVWEIVDQELVVTPFPDTERLPVKAVEKEAAHVARASGVS
RLPVRIV
;
_entity_poly.pdbx_strand_id   A
#
# COMPACT_ATOMS: atom_id res chain seq x y z
N MSE A 5 12.60 7.63 -25.06
CA MSE A 5 11.45 7.08 -25.77
C MSE A 5 10.17 7.84 -25.43
O MSE A 5 10.12 8.58 -24.46
CB MSE A 5 11.27 5.60 -25.42
CG MSE A 5 11.02 5.33 -23.95
SE MSE A 5 10.52 3.49 -23.54
CE MSE A 5 8.64 3.50 -24.10
H MSE A 5 13.28 8.09 -25.53
HA MSE A 5 11.61 7.15 -26.72
HB2 MSE A 5 10.51 5.25 -25.92
HB3 MSE A 5 12.07 5.12 -25.68
HG2 MSE A 5 11.83 5.54 -23.45
HG3 MSE A 5 10.29 5.90 -23.65
HE1 MSE A 5 8.25 2.62 -23.94
HE2 MSE A 5 8.16 4.16 -23.57
HE3 MSE A 5 8.59 3.72 -25.04
N LYS A 6 9.14 7.63 -26.25
CA LYS A 6 7.82 8.18 -26.00
C LYS A 6 6.83 7.06 -25.72
N ALA A 7 5.76 7.39 -25.02
CA ALA A 7 4.67 6.46 -24.77
C ALA A 7 3.39 7.24 -24.48
N SER A 8 2.26 6.65 -24.79
CA SER A 8 0.98 7.26 -24.44
C SER A 8 0.57 6.82 -23.04
N TRP A 9 -0.38 7.53 -22.45
CA TRP A 9 -0.84 7.17 -21.11
C TRP A 9 -1.61 5.86 -21.15
N ARG A 10 -2.36 5.63 -22.22
CA ARG A 10 -3.13 4.40 -22.34
C ARG A 10 -2.23 3.19 -22.55
N GLN A 11 -1.04 3.41 -23.12
CA GLN A 11 -0.01 2.37 -23.11
C GLN A 11 0.43 2.09 -21.67
N VAL A 12 0.74 3.16 -20.94
CA VAL A 12 1.20 3.04 -19.56
C VAL A 12 0.14 2.34 -18.69
N PHE A 13 -1.12 2.71 -18.86
CA PHE A 13 -2.19 2.12 -18.06
C PHE A 13 -2.29 0.62 -18.31
N ALA A 14 -2.25 0.23 -19.58
CA ALA A 14 -2.31 -1.18 -19.95
C ALA A 14 -1.12 -1.95 -19.37
N TRP A 15 0.06 -1.34 -19.44
CA TRP A 15 1.27 -1.99 -18.93
C TRP A 15 1.19 -2.16 -17.41
N ARG A 16 0.77 -1.09 -16.73
CA ARG A 16 0.60 -1.14 -15.28
C ARG A 16 -0.39 -2.24 -14.88
N MSE A 17 -1.50 -2.34 -15.60
CA MSE A 17 -2.52 -3.32 -15.28
C MSE A 17 -2.03 -4.75 -15.54
O MSE A 17 -2.50 -5.70 -14.91
CB MSE A 17 -3.79 -3.05 -16.07
CG MSE A 17 -4.59 -1.89 -15.52
SE MSE A 17 -6.32 -1.70 -16.40
CE MSE A 17 -7.37 -1.15 -14.86
H MSE A 17 -1.69 -1.83 -16.27
HA MSE A 17 -2.74 -3.25 -14.34
HB2 MSE A 17 -3.55 -2.84 -16.99
HB3 MSE A 17 -4.36 -3.84 -16.05
HG2 MSE A 17 -4.75 -2.03 -14.57
HG3 MSE A 17 -4.09 -1.06 -15.66
HE1 MSE A 17 -8.29 -1.01 -15.14
HE2 MSE A 17 -7.33 -1.84 -14.18
HE3 MSE A 17 -7.00 -0.32 -14.51
N GLN A 18 -1.10 -4.89 -16.48
CA GLN A 18 -0.46 -6.18 -16.70
C GLN A 18 0.43 -6.50 -15.52
N ARG A 19 1.24 -5.54 -15.09
CA ARG A 19 2.15 -5.75 -13.97
C ARG A 19 1.40 -5.99 -12.65
N GLN A 20 0.21 -5.41 -12.53
CA GLN A 20 -0.56 -5.48 -11.29
C GLN A 20 -1.57 -6.63 -11.26
N PHE A 21 -1.43 -7.55 -12.21
CA PHE A 21 -2.28 -8.74 -12.31
C PHE A 21 -3.76 -8.42 -12.53
N LEU A 22 -4.03 -7.28 -13.16
CA LEU A 22 -5.40 -6.89 -13.45
C LEU A 22 -5.86 -7.37 -14.84
N GLU A 23 -5.03 -7.17 -15.85
CA GLU A 23 -5.31 -7.65 -17.21
C GLU A 23 -4.01 -7.96 -17.93
N PRO A 24 -3.83 -9.21 -18.42
CA PRO A 24 -4.75 -10.34 -18.38
C PRO A 24 -4.87 -10.96 -16.99
N ARG A 25 -5.71 -11.97 -16.86
CA ARG A 25 -6.00 -12.58 -15.58
C ARG A 25 -5.18 -13.85 -15.34
N THR A 26 -4.53 -13.91 -14.20
CA THR A 26 -3.79 -15.10 -13.76
C THR A 26 -4.20 -15.43 -12.33
N GLN A 27 -3.54 -16.43 -11.75
CA GLN A 27 -3.87 -16.86 -10.39
C GLN A 27 -2.66 -16.74 -9.46
N PRO A 28 -2.22 -15.51 -9.20
CA PRO A 28 -1.13 -15.30 -8.26
C PRO A 28 -1.56 -15.59 -6.82
N SER A 29 -0.62 -16.02 -6.00
CA SER A 29 -0.88 -16.16 -4.57
C SER A 29 -1.06 -14.77 -3.95
N ALA A 30 -1.57 -14.73 -2.72
CA ALA A 30 -1.70 -13.45 -2.02
C ALA A 30 -0.33 -12.81 -1.83
N SER A 31 0.68 -13.63 -1.59
CA SER A 31 2.05 -13.13 -1.43
C SER A 31 2.57 -12.54 -2.74
N ASP A 32 2.24 -13.18 -3.86
CA ASP A 32 2.63 -12.67 -5.17
C ASP A 32 2.03 -11.29 -5.42
N VAL A 33 0.76 -11.11 -5.06
CA VAL A 33 0.09 -9.83 -5.27
C VAL A 33 0.67 -8.75 -4.36
N VAL A 34 0.77 -9.05 -3.06
CA VAL A 34 1.28 -8.09 -2.09
C VAL A 34 2.72 -7.70 -2.45
N GLY A 35 3.52 -8.69 -2.82
CA GLY A 35 4.91 -8.44 -3.20
C GLY A 35 5.00 -7.54 -4.42
N ARG A 36 4.24 -7.88 -5.45
CA ARG A 36 4.23 -7.13 -6.70
C ARG A 36 3.76 -5.69 -6.51
N LEU A 37 2.73 -5.51 -5.69
CA LEU A 37 2.12 -4.19 -5.53
C LEU A 37 2.86 -3.28 -4.54
N CYS A 38 3.99 -3.75 -4.01
CA CYS A 38 4.75 -3.01 -3.01
C CYS A 38 3.90 -2.75 -1.77
N GLY A 39 3.19 -3.78 -1.34
CA GLY A 39 2.30 -3.68 -0.20
C GLY A 39 0.86 -3.43 -0.61
N VAL A 40 -0.04 -3.72 0.32
CA VAL A 40 -1.46 -3.44 0.15
C VAL A 40 -1.97 -2.79 1.42
N GLN A 41 -2.65 -1.65 1.30
CA GLN A 41 -3.21 -0.98 2.45
C GLN A 41 -4.23 -1.89 3.12
N ALA A 42 -4.11 -2.06 4.43
CA ALA A 42 -4.88 -3.07 5.14
C ALA A 42 -5.51 -2.53 6.42
N GLN A 43 -5.76 -1.23 6.47
CA GLN A 43 -6.40 -0.65 7.65
C GLN A 43 -7.84 -1.16 7.75
N VAL A 44 -8.50 -1.24 6.60
CA VAL A 44 -9.78 -1.91 6.49
C VAL A 44 -9.53 -3.30 5.89
N TRP A 45 -9.63 -4.32 6.73
CA TRP A 45 -9.18 -5.66 6.34
C TRP A 45 -9.98 -6.22 5.17
N SER A 46 -11.30 -6.04 5.21
CA SER A 46 -12.17 -6.58 4.17
C SER A 46 -11.80 -6.01 2.80
N VAL A 47 -11.31 -4.77 2.79
CA VAL A 47 -10.89 -4.13 1.56
C VAL A 47 -9.58 -4.71 1.04
N ALA A 48 -8.66 -5.05 1.95
CA ALA A 48 -7.39 -5.65 1.56
C ALA A 48 -7.61 -7.03 0.95
N GLU A 49 -8.53 -7.80 1.55
CA GLU A 49 -8.89 -9.11 1.04
C GLU A 49 -9.43 -9.01 -0.39
N LEU A 50 -10.31 -8.05 -0.61
CA LEU A 50 -10.97 -7.88 -1.90
C LEU A 50 -9.97 -7.54 -3.00
N ASN A 51 -9.03 -6.65 -2.70
CA ASN A 51 -8.09 -6.17 -3.72
C ASN A 51 -7.12 -7.25 -4.16
N VAL A 52 -6.83 -8.21 -3.29
CA VAL A 52 -6.04 -9.37 -3.68
C VAL A 52 -6.92 -10.31 -4.50
N ALA A 53 -8.13 -10.56 -4.02
CA ALA A 53 -9.03 -11.53 -4.67
C ALA A 53 -9.41 -11.10 -6.08
N LEU A 54 -9.59 -9.80 -6.28
CA LEU A 54 -9.95 -9.29 -7.60
C LEU A 54 -8.82 -9.48 -8.60
N ARG A 55 -7.60 -9.68 -8.10
CA ARG A 55 -6.43 -9.88 -8.95
C ARG A 55 -6.15 -11.35 -9.20
N GLN A 56 -7.16 -12.18 -8.94
CA GLN A 56 -7.08 -13.62 -9.19
C GLN A 56 -8.19 -14.04 -10.14
N ALA A 57 -7.82 -14.76 -11.20
CA ALA A 57 -8.78 -15.21 -12.22
C ALA A 57 -9.94 -15.95 -11.58
N ALA A 58 -9.61 -16.77 -10.58
CA ALA A 58 -10.61 -17.40 -9.73
C ALA A 58 -10.47 -16.81 -8.33
N PRO A 59 -11.22 -15.73 -8.04
CA PRO A 59 -11.11 -15.00 -6.76
C PRO A 59 -11.08 -15.90 -5.54
N ASP A 60 -10.08 -15.70 -4.70
CA ASP A 60 -9.85 -16.53 -3.52
C ASP A 60 -9.51 -15.64 -2.33
N ARG A 61 -10.53 -14.98 -1.78
CA ARG A 61 -10.29 -13.93 -0.79
C ARG A 61 -9.72 -14.49 0.51
N GLU A 62 -9.94 -15.77 0.78
CA GLU A 62 -9.41 -16.39 1.99
C GLU A 62 -7.91 -16.64 1.87
N SER A 63 -7.35 -16.49 0.67
CA SER A 63 -5.93 -16.72 0.47
C SER A 63 -5.10 -15.76 1.33
N VAL A 64 -5.64 -14.57 1.57
CA VAL A 64 -4.94 -13.58 2.39
C VAL A 64 -4.87 -14.06 3.83
N ASN A 65 -6.02 -14.41 4.41
CA ASN A 65 -6.06 -14.93 5.77
C ASN A 65 -5.19 -16.18 5.96
N ARG A 66 -5.17 -17.06 4.96
CA ARG A 66 -4.37 -18.28 5.06
C ARG A 66 -2.89 -17.97 5.07
N GLU A 67 -2.48 -17.03 4.22
CA GLU A 67 -1.07 -16.70 4.09
C GLU A 67 -0.59 -15.79 5.22
N VAL A 68 -1.52 -15.11 5.88
CA VAL A 68 -1.22 -14.40 7.11
C VAL A 68 -1.04 -15.43 8.22
N ALA A 69 -1.86 -16.48 8.19
CA ALA A 69 -1.83 -17.52 9.21
C ALA A 69 -0.54 -18.34 9.15
N ASP A 70 -0.10 -18.69 7.94
CA ASP A 70 1.14 -19.47 7.80
C ASP A 70 2.36 -18.55 7.73
N LEU A 71 2.15 -17.28 8.05
CA LEU A 71 3.24 -16.32 8.25
C LEU A 71 4.05 -16.04 6.99
N SER A 72 3.40 -16.13 5.82
CA SER A 72 4.04 -15.72 4.57
C SER A 72 3.69 -14.25 4.28
N LEU A 73 2.82 -13.67 5.10
CA LEU A 73 2.50 -12.25 5.03
C LEU A 73 2.55 -11.63 6.42
N MSE A 74 2.96 -10.36 6.48
CA MSE A 74 2.98 -9.63 7.75
C MSE A 74 2.10 -8.39 7.65
O MSE A 74 1.84 -7.88 6.56
CB MSE A 74 4.41 -9.25 8.13
CG MSE A 74 4.91 -7.92 7.58
SE MSE A 74 6.79 -7.57 8.02
CE MSE A 74 6.62 -7.17 9.92
H MSE A 74 3.23 -9.90 5.81
HA MSE A 74 2.62 -10.21 8.45
HB2 MSE A 74 4.46 -9.19 9.10
HB3 MSE A 74 5.01 -9.94 7.83
HG2 MSE A 74 4.82 -7.94 6.61
HG3 MSE A 74 4.37 -7.21 7.95
HE1 MSE A 74 7.50 -6.97 10.27
HE2 MSE A 74 6.03 -6.41 10.03
HE3 MSE A 74 6.24 -7.94 10.37
N LYS A 75 1.64 -7.92 8.80
CA LYS A 75 0.90 -6.66 8.88
C LYS A 75 1.67 -5.70 9.77
N THR A 76 2.00 -4.54 9.21
CA THR A 76 2.70 -3.52 9.97
C THR A 76 2.54 -2.16 9.29
N TRP A 77 3.03 -1.12 9.95
CA TRP A 77 2.93 0.23 9.42
C TRP A 77 4.14 0.52 8.55
N ALA A 78 3.87 0.98 7.32
CA ALA A 78 4.92 1.23 6.35
C ALA A 78 4.69 2.58 5.66
N MSE A 79 4.42 2.57 4.36
CA MSE A 79 4.33 3.79 3.57
C MSE A 79 3.29 4.77 4.11
O MSE A 79 2.16 4.40 4.40
CB MSE A 79 4.01 3.48 2.11
CG MSE A 79 5.24 3.14 1.28
SE MSE A 79 6.12 1.49 1.82
CE MSE A 79 4.63 0.28 1.47
H MSE A 79 4.28 1.85 3.90
HA MSE A 79 5.20 4.23 3.59
HB2 MSE A 79 3.42 2.71 2.08
HB3 MSE A 79 3.58 4.25 1.71
HG2 MSE A 79 4.98 3.05 0.35
HG3 MSE A 79 5.89 3.87 1.36
HE1 MSE A 79 4.89 -0.62 1.69
HE2 MSE A 79 3.87 0.55 2.01
HE3 MSE A 79 4.40 0.34 0.52
N ARG A 80 3.70 6.03 4.25
CA ARG A 80 2.85 7.10 4.74
C ARG A 80 2.34 6.81 6.15
N GLY A 81 2.98 5.87 6.83
CA GLY A 81 2.62 5.53 8.19
C GLY A 81 1.35 4.70 8.32
N THR A 82 0.80 4.23 7.21
CA THR A 82 -0.44 3.45 7.24
C THR A 82 -0.15 1.95 7.30
N LEU A 83 -1.11 1.21 7.85
CA LEU A 83 -1.01 -0.24 7.99
C LEU A 83 -1.00 -0.92 6.62
N HIS A 84 0.04 -1.72 6.37
CA HIS A 84 0.21 -2.43 5.10
C HIS A 84 0.39 -3.92 5.31
N LEU A 85 -0.11 -4.71 4.36
CA LEU A 85 0.36 -6.08 4.17
C LEU A 85 1.70 -6.02 3.44
N LEU A 86 2.66 -6.82 3.89
CA LEU A 86 3.95 -6.94 3.21
C LEU A 86 4.46 -8.37 3.29
N ARG A 87 5.29 -8.76 2.33
CA ARG A 87 6.04 -10.00 2.43
C ARG A 87 7.16 -9.77 3.44
N PRO A 88 7.25 -10.63 4.49
CA PRO A 88 8.27 -10.39 5.52
C PRO A 88 9.69 -10.30 4.96
N SER A 89 10.01 -11.10 3.95
CA SER A 89 11.36 -11.13 3.39
C SER A 89 11.66 -9.88 2.54
N GLU A 90 10.62 -9.11 2.24
CA GLU A 90 10.77 -7.91 1.41
C GLU A 90 10.55 -6.62 2.21
N ALA A 91 10.15 -6.76 3.46
CA ALA A 91 9.73 -5.61 4.26
C ALA A 91 10.89 -4.67 4.60
N GLY A 92 12.08 -5.23 4.78
CA GLY A 92 13.24 -4.49 5.23
C GLY A 92 13.49 -3.16 4.53
N PRO A 93 13.74 -3.20 3.21
CA PRO A 93 14.01 -2.00 2.43
C PRO A 93 12.93 -0.93 2.55
N TYR A 94 11.65 -1.33 2.54
CA TYR A 94 10.56 -0.37 2.67
C TYR A 94 10.62 0.32 4.03
N LEU A 95 10.78 -0.47 5.08
CA LEU A 95 10.79 0.05 6.45
C LEU A 95 11.99 0.97 6.69
N SER A 96 13.14 0.59 6.16
CA SER A 96 14.36 1.38 6.31
C SER A 96 14.18 2.79 5.74
N LEU A 97 13.49 2.88 4.61
CA LEU A 97 13.27 4.17 3.97
C LEU A 97 12.29 5.02 4.76
N MSE A 98 11.34 4.38 5.45
CA MSE A 98 10.40 5.11 6.29
C MSE A 98 11.09 5.66 7.53
O MSE A 98 10.85 6.80 7.93
CB MSE A 98 9.22 4.22 6.70
CG MSE A 98 8.36 3.70 5.55
SE MSE A 98 7.80 5.10 4.29
CE MSE A 98 7.01 6.36 5.56
H MSE A 98 11.22 3.53 5.44
HA MSE A 98 10.04 5.86 5.78
HB2 MSE A 98 9.57 3.45 7.18
HB3 MSE A 98 8.63 4.73 7.29
HG2 MSE A 98 8.87 3.05 5.06
HG3 MSE A 98 7.56 3.29 5.92
HE1 MSE A 98 6.68 7.13 5.07
HE2 MSE A 98 6.28 5.92 6.03
HE3 MSE A 98 7.69 6.63 6.20
N ALA A 99 11.96 4.85 8.13
CA ALA A 99 12.73 5.29 9.29
C ALA A 99 13.62 6.47 8.92
N ASN A 100 14.10 6.47 7.68
CA ASN A 100 14.98 7.52 7.19
C ASN A 100 14.31 8.90 7.17
N THR A 101 12.98 8.93 7.11
CA THR A 101 12.27 10.20 7.07
C THR A 101 12.38 10.94 8.41
N GLY A 102 12.62 10.19 9.48
CA GLY A 102 12.79 10.76 10.80
C GLY A 102 11.67 11.69 11.21
N SER A 103 10.43 11.28 10.90
CA SER A 103 9.26 12.10 11.15
C SER A 103 9.06 12.42 12.64
N TRP A 104 9.48 11.48 13.49
CA TRP A 104 9.29 11.62 14.92
C TRP A 104 10.32 12.53 15.55
N LEU A 105 11.29 12.99 14.76
CA LEU A 105 12.32 13.90 15.25
C LEU A 105 11.85 15.35 15.19
N LYS A 106 10.79 15.61 14.44
CA LYS A 106 10.29 16.97 14.29
C LYS A 106 9.66 17.46 15.59
N PRO A 107 9.91 18.72 15.96
CA PRO A 107 9.27 19.32 17.13
C PRO A 107 7.75 19.10 17.17
N SER A 108 7.10 19.25 16.02
CA SER A 108 5.66 19.09 15.94
C SER A 108 5.21 17.69 16.36
N TRP A 109 5.98 16.67 16.03
CA TRP A 109 5.68 15.30 16.44
C TRP A 109 5.84 15.13 17.94
N THR A 110 6.91 15.71 18.49
CA THR A 110 7.15 15.67 19.93
C THR A 110 6.01 16.35 20.70
N ARG A 111 5.57 17.51 20.22
CA ARG A 111 4.52 18.26 20.90
C ARG A 111 3.20 17.49 20.91
N ALA A 112 2.92 16.79 19.82
CA ALA A 112 1.66 16.09 19.68
C ALA A 112 1.65 14.76 20.44
N SER A 113 2.78 14.04 20.40
CA SER A 113 2.87 12.71 20.96
C SER A 113 3.18 12.69 22.46
N GLY A 114 3.95 13.68 22.90
CA GLY A 114 4.39 13.73 24.29
C GLY A 114 5.57 12.79 24.55
N VAL A 115 6.26 12.41 23.48
CA VAL A 115 7.41 11.51 23.57
C VAL A 115 8.61 12.12 22.88
N THR A 116 9.74 12.20 23.57
CA THR A 116 10.94 12.80 23.02
C THR A 116 11.67 11.80 22.12
N PRO A 117 12.59 12.28 21.27
CA PRO A 117 13.40 11.38 20.44
C PRO A 117 14.23 10.41 21.27
N ARG A 118 14.77 10.89 22.39
CA ARG A 118 15.51 10.03 23.30
C ARG A 118 14.61 8.89 23.77
N GLN A 119 13.38 9.22 24.12
CA GLN A 119 12.42 8.25 24.63
C GLN A 119 11.95 7.28 23.55
N VAL A 120 11.92 7.73 22.30
CA VAL A 120 11.56 6.83 21.20
C VAL A 120 12.63 5.74 21.07
N ASP A 121 13.89 6.12 21.21
CA ASP A 121 14.98 5.16 21.15
C ASP A 121 14.87 4.14 22.30
N GLU A 122 14.58 4.64 23.50
CA GLU A 122 14.44 3.78 24.67
C GLU A 122 13.30 2.78 24.44
N LEU A 123 12.19 3.27 23.91
CA LEU A 123 11.03 2.43 23.63
C LEU A 123 11.35 1.39 22.58
N THR A 124 12.11 1.78 21.56
CA THR A 124 12.51 0.86 20.51
C THR A 124 13.23 -0.34 21.11
N GLU A 125 14.21 -0.05 21.97
CA GLU A 125 15.00 -1.08 22.61
C GLU A 125 14.16 -1.97 23.50
N GLU A 126 13.32 -1.36 24.32
CA GLU A 126 12.58 -2.11 25.34
C GLU A 126 11.46 -2.94 24.72
N VAL A 127 10.78 -2.38 23.72
CA VAL A 127 9.70 -3.10 23.05
C VAL A 127 10.28 -4.33 22.34
N ALA A 128 11.45 -4.17 21.73
CA ALA A 128 12.09 -5.27 21.03
C ALA A 128 12.35 -6.44 21.99
N GLY A 129 12.74 -6.13 23.21
CA GLY A 129 13.03 -7.15 24.20
C GLY A 129 11.77 -7.80 24.74
N ILE A 130 10.74 -7.00 24.98
CA ILE A 130 9.48 -7.49 25.52
C ILE A 130 8.78 -8.43 24.52
N LEU A 131 8.84 -8.09 23.24
CA LEU A 131 8.08 -8.81 22.23
C LEU A 131 8.84 -9.97 21.58
N ASP A 132 10.09 -10.16 21.97
CA ASP A 132 10.90 -11.24 21.41
C ASP A 132 10.27 -12.59 21.76
N GLY A 133 9.60 -13.21 20.79
CA GLY A 133 8.99 -14.51 20.98
C GLY A 133 7.78 -14.43 21.89
N VAL A 134 7.18 -13.24 21.95
CA VAL A 134 6.05 -12.97 22.83
C VAL A 134 4.97 -12.18 22.09
N VAL A 135 3.71 -12.54 22.32
CA VAL A 135 2.58 -11.90 21.68
C VAL A 135 1.72 -11.18 22.72
N LEU A 136 1.54 -9.88 22.55
CA LEU A 136 0.81 -9.05 23.52
C LEU A 136 -0.17 -8.10 22.84
N THR A 137 -1.29 -7.87 23.50
CA THR A 137 -2.21 -6.82 23.09
C THR A 137 -1.56 -5.46 23.34
N ARG A 138 -2.20 -4.39 22.87
CA ARG A 138 -1.69 -3.04 23.13
C ARG A 138 -1.62 -2.79 24.63
N ASP A 139 -2.72 -3.06 25.33
CA ASP A 139 -2.79 -2.81 26.76
C ASP A 139 -1.77 -3.64 27.53
N GLU A 140 -1.58 -4.89 27.12
CA GLU A 140 -0.61 -5.76 27.76
C GLU A 140 0.81 -5.23 27.57
N LEU A 141 1.10 -4.75 26.36
CA LEU A 141 2.43 -4.22 26.06
C LEU A 141 2.69 -2.92 26.81
N VAL A 142 1.69 -2.04 26.84
CA VAL A 142 1.83 -0.76 27.53
C VAL A 142 2.00 -0.98 29.03
N THR A 143 1.31 -2.00 29.55
CA THR A 143 1.41 -2.33 30.97
C THR A 143 2.82 -2.80 31.31
N ARG A 144 3.42 -3.58 30.42
CA ARG A 144 4.79 -4.03 30.61
C ARG A 144 5.74 -2.83 30.63
N LEU A 145 5.53 -1.91 29.70
CA LEU A 145 6.39 -0.74 29.55
C LEU A 145 6.36 0.17 30.78
N VAL A 146 5.16 0.48 31.27
CA VAL A 146 5.04 1.44 32.37
C VAL A 146 5.52 0.86 33.69
N ALA A 147 5.73 -0.46 33.72
CA ALA A 147 6.38 -1.08 34.87
C ALA A 147 7.80 -0.55 34.98
N ASP A 148 8.36 -0.14 33.84
CA ASP A 148 9.70 0.42 33.78
C ASP A 148 9.68 1.85 34.32
N LYS A 149 10.82 2.26 34.85
CA LYS A 149 10.94 3.55 35.53
C LYS A 149 11.05 4.68 34.51
N ARG A 150 11.60 4.36 33.34
CA ARG A 150 11.77 5.34 32.27
C ARG A 150 10.43 5.71 31.60
N PHE A 151 9.40 4.92 31.86
CA PHE A 151 8.14 5.02 31.12
C PHE A 151 6.92 5.20 32.02
N VAL A 152 7.11 5.04 33.32
CA VAL A 152 5.99 5.07 34.27
C VAL A 152 5.25 6.40 34.22
N SER A 153 5.96 7.46 33.89
CA SER A 153 5.36 8.80 33.82
C SER A 153 4.61 9.02 32.50
N MSE A 154 4.76 8.08 31.58
CA MSE A 154 4.21 8.22 30.23
C MSE A 154 2.92 7.46 30.00
O MSE A 154 2.39 7.47 28.88
CB MSE A 154 5.23 7.74 29.19
CG MSE A 154 6.48 8.57 29.06
SE MSE A 154 7.67 7.74 27.74
CE MSE A 154 6.39 7.39 26.33
H MSE A 154 5.17 7.34 31.71
HA MSE A 154 4.05 9.17 30.07
HB2 MSE A 154 5.50 6.84 29.44
HB3 MSE A 154 4.79 7.73 28.33
HG2 MSE A 154 6.26 9.46 28.75
HG3 MSE A 154 6.94 8.61 29.90
HE1 MSE A 154 6.86 6.97 25.59
HE2 MSE A 154 5.71 6.81 26.67
HE3 MSE A 154 6.00 8.23 26.04
N GLU A 155 2.41 6.81 31.03
CA GLU A 155 1.31 5.85 30.87
C GLU A 155 0.14 6.44 30.08
N GLU A 156 -0.27 7.66 30.42
CA GLU A 156 -1.38 8.30 29.74
C GLU A 156 -1.05 8.59 28.28
N ARG A 157 0.14 9.13 28.04
CA ARG A 157 0.59 9.44 26.68
C ARG A 157 0.58 8.20 25.79
N LEU A 158 1.02 7.06 26.35
CA LEU A 158 1.19 5.85 25.56
C LEU A 158 -0.13 5.20 25.16
N ARG A 159 -1.11 5.19 26.07
CA ARG A 159 -2.39 4.55 25.79
C ARG A 159 -3.20 5.33 24.76
N SER A 160 -3.34 6.64 24.98
CA SER A 160 -4.19 7.48 24.15
C SER A 160 -3.60 7.69 22.75
N GLY A 161 -2.27 7.73 22.66
CA GLY A 161 -1.58 8.00 21.40
C GLY A 161 -0.68 6.88 20.94
N TRP A 162 -1.06 5.63 21.25
CA TRP A 162 -0.26 4.48 20.85
C TRP A 162 -0.12 4.39 19.33
N GLY A 163 -1.20 4.73 18.63
CA GLY A 163 -1.23 4.64 17.18
C GLY A 163 -0.15 5.46 16.51
N SER A 164 0.22 6.57 17.13
CA SER A 164 1.24 7.47 16.59
C SER A 164 2.64 7.06 17.03
N VAL A 165 2.76 6.63 18.29
CA VAL A 165 4.06 6.33 18.88
C VAL A 165 4.64 5.01 18.37
N LEU A 166 3.78 4.10 17.94
CA LEU A 166 4.23 2.78 17.50
C LEU A 166 4.89 2.81 16.13
N LYS A 167 4.65 3.88 15.36
CA LYS A 167 5.07 3.89 13.97
C LYS A 167 6.59 3.91 13.78
N PRO A 168 7.30 4.76 14.54
CA PRO A 168 8.77 4.66 14.47
C PRO A 168 9.29 3.27 14.81
N LEU A 169 8.62 2.61 15.76
CA LEU A 169 9.00 1.26 16.16
C LEU A 169 8.75 0.27 15.03
N ALA A 170 7.61 0.43 14.35
CA ALA A 170 7.30 -0.41 13.21
C ALA A 170 8.35 -0.21 12.13
N TRP A 171 8.67 1.05 11.85
CA TRP A 171 9.65 1.39 10.82
C TRP A 171 11.05 0.87 11.15
N ARG A 172 11.36 0.77 12.43
CA ARG A 172 12.66 0.25 12.86
C ARG A 172 12.65 -1.28 12.93
N GLY A 173 11.48 -1.88 12.75
CA GLY A 173 11.34 -3.31 12.66
C GLY A 173 11.33 -4.06 13.98
N VAL A 174 10.90 -3.38 15.06
CA VAL A 174 10.85 -4.02 16.37
C VAL A 174 9.43 -4.41 16.77
N LEU A 175 8.45 -4.11 15.91
CA LEU A 175 7.09 -4.57 16.15
C LEU A 175 6.29 -4.72 14.88
N CYS A 176 5.34 -5.64 14.93
CA CYS A 176 4.39 -5.87 13.85
C CYS A 176 3.19 -6.58 14.47
N HIS A 177 2.15 -6.82 13.70
CA HIS A 177 1.01 -7.57 14.20
C HIS A 177 1.38 -9.02 14.46
N GLY A 178 0.89 -9.56 15.57
CA GLY A 178 0.91 -10.99 15.79
C GLY A 178 -0.43 -11.54 15.33
N PRO A 179 -0.68 -12.83 15.58
CA PRO A 179 -2.00 -13.38 15.29
C PRO A 179 -3.06 -12.71 16.16
N ASN A 180 -4.23 -12.43 15.61
CA ASN A 180 -5.29 -11.84 16.42
C ASN A 180 -5.70 -12.79 17.53
N ARG A 181 -5.88 -12.26 18.73
CA ARG A 181 -6.45 -13.00 19.84
C ARG A 181 -7.94 -12.72 19.88
N GLY A 182 -8.73 -13.61 19.29
CA GLY A 182 -10.13 -13.35 19.07
C GLY A 182 -10.29 -12.15 18.16
N ASN A 183 -10.88 -11.09 18.69
CA ASN A 183 -11.09 -9.86 17.92
C ASN A 183 -10.05 -8.79 18.22
N LYS A 184 -9.22 -9.02 19.23
CA LYS A 184 -8.19 -8.07 19.63
C LYS A 184 -6.94 -8.20 18.77
N ILE A 185 -6.29 -7.06 18.51
CA ILE A 185 -5.02 -7.03 17.81
C ILE A 185 -3.87 -7.28 18.79
N THR A 186 -2.85 -7.99 18.31
CA THR A 186 -1.66 -8.26 19.11
C THR A 186 -0.41 -7.75 18.41
N PHE A 187 0.65 -7.58 19.18
CA PHE A 187 1.93 -7.14 18.66
C PHE A 187 3.02 -8.16 18.98
N THR A 188 4.03 -8.25 18.11
CA THR A 188 5.17 -9.13 18.38
C THR A 188 6.40 -8.65 17.60
N LEU A 189 7.54 -9.28 17.88
CA LEU A 189 8.80 -8.95 17.22
C LEU A 189 8.89 -9.66 15.86
N PRO A 190 9.10 -8.90 14.77
CA PRO A 190 9.22 -9.50 13.44
C PRO A 190 10.28 -10.61 13.37
N ALA A 191 11.41 -10.40 14.03
CA ALA A 191 12.50 -11.37 14.00
C ALA A 191 12.09 -12.73 14.58
N SER A 192 11.35 -12.72 15.69
CA SER A 192 10.97 -13.97 16.34
C SER A 192 9.81 -14.65 15.63
N GLN A 193 8.93 -13.87 15.00
CA GLN A 193 7.76 -14.45 14.33
C GLN A 193 8.10 -15.06 12.97
N PHE A 194 9.03 -14.43 12.25
CA PHE A 194 9.30 -14.82 10.86
C PHE A 194 10.63 -15.55 10.67
N GLY A 195 11.45 -15.59 11.72
CA GLY A 195 12.67 -16.36 11.70
C GLY A 195 13.58 -16.09 10.50
N ALA A 196 13.90 -17.15 9.77
CA ALA A 196 14.83 -17.07 8.64
C ALA A 196 14.30 -16.21 7.50
N ASP A 197 13.00 -15.92 7.51
CA ASP A 197 12.41 -15.05 6.50
C ASP A 197 12.64 -13.57 6.80
N TRP A 198 13.08 -13.26 8.01
CA TRP A 198 13.33 -11.88 8.39
C TRP A 198 14.81 -11.54 8.24
N GLY A 199 15.12 -10.81 7.17
CA GLY A 199 16.49 -10.40 6.91
C GLY A 199 16.87 -9.20 7.75
N LYS A 200 18.17 -9.04 7.96
CA LYS A 200 18.70 -7.88 8.69
C LYS A 200 18.39 -6.63 7.87
N MSE A 201 18.02 -5.56 8.56
CA MSE A 201 17.53 -4.38 7.86
C MSE A 201 18.65 -3.57 7.23
O MSE A 201 19.67 -3.33 7.88
CB MSE A 201 16.72 -3.50 8.80
CG MSE A 201 15.52 -2.90 8.11
SE MSE A 201 14.13 -2.46 9.38
CE MSE A 201 14.67 -0.61 9.70
H MSE A 201 18.04 -5.48 9.42
HA MSE A 201 16.93 -4.68 7.15
HB2 MSE A 201 16.40 -4.04 9.54
HB3 MSE A 201 17.28 -2.79 9.12
HG2 MSE A 201 15.79 -2.08 7.66
HG3 MSE A 201 15.17 -3.53 7.47
HE1 MSE A 201 14.06 -0.21 10.34
HE2 MSE A 201 15.57 -0.61 10.06
HE3 MSE A 201 14.64 -0.12 8.87
N PRO A 202 18.47 -3.15 5.97
CA PRO A 202 19.53 -2.41 5.27
C PRO A 202 19.53 -0.93 5.61
N GLU A 203 20.65 -0.25 5.36
CA GLU A 203 20.70 1.20 5.48
C GLU A 203 19.89 1.80 4.34
N PRO A 204 19.43 3.05 4.50
CA PRO A 204 18.56 3.66 3.47
C PRO A 204 19.20 3.73 2.09
N ASP A 205 20.50 4.02 1.99
CA ASP A 205 21.16 4.14 0.69
C ASP A 205 21.09 2.83 -0.10
N GLU A 206 21.32 1.72 0.57
CA GLU A 206 21.31 0.41 -0.09
C GLU A 206 19.90 -0.10 -0.34
N ALA A 207 18.95 0.40 0.44
CA ALA A 207 17.56 -0.02 0.34
C ALA A 207 16.83 0.70 -0.79
N ALA A 208 17.21 1.96 -1.02
CA ALA A 208 16.50 2.83 -1.96
C ALA A 208 16.33 2.23 -3.35
N PRO A 209 17.43 1.74 -3.97
CA PRO A 209 17.25 1.20 -5.32
C PRO A 209 16.30 0.00 -5.37
N THR A 210 16.26 -0.78 -4.31
CA THR A 210 15.34 -1.92 -4.24
C THR A 210 13.90 -1.46 -4.22
N VAL A 211 13.62 -0.44 -3.41
CA VAL A 211 12.27 0.10 -3.27
C VAL A 211 11.86 0.78 -4.58
N ILE A 212 12.76 1.56 -5.15
CA ILE A 212 12.48 2.27 -6.40
C ILE A 212 12.19 1.27 -7.51
N LYS A 213 12.99 0.21 -7.58
CA LYS A 213 12.79 -0.86 -8.56
C LYS A 213 11.40 -1.47 -8.43
N ALA A 214 11.04 -1.83 -7.19
CA ALA A 214 9.75 -2.44 -6.92
C ALA A 214 8.61 -1.49 -7.27
N TYR A 215 8.77 -0.22 -6.93
CA TYR A 215 7.74 0.77 -7.21
C TYR A 215 7.51 0.95 -8.70
N LEU A 216 8.58 1.20 -9.44
CA LEU A 216 8.49 1.43 -10.88
C LEU A 216 8.01 0.19 -11.62
N GLY A 217 8.24 -0.98 -11.02
CA GLY A 217 7.84 -2.23 -11.63
C GLY A 217 6.34 -2.45 -11.63
N ALA A 218 5.61 -1.65 -10.87
CA ALA A 218 4.16 -1.76 -10.78
C ALA A 218 3.46 -0.48 -11.21
N TYR A 219 4.07 0.67 -10.92
CA TYR A 219 3.43 1.97 -11.11
C TYR A 219 4.24 2.91 -12.00
N GLY A 220 5.25 2.39 -12.67
CA GLY A 220 6.02 3.18 -13.61
C GLY A 220 5.23 3.44 -14.88
N PRO A 221 5.69 4.39 -15.72
CA PRO A 221 6.79 5.31 -15.41
C PRO A 221 6.35 6.34 -14.37
N ALA A 222 7.29 6.93 -13.64
CA ALA A 222 6.95 7.89 -12.60
C ALA A 222 8.08 8.87 -12.34
N THR A 223 7.74 10.01 -11.76
CA THR A 223 8.73 11.01 -11.38
C THR A 223 9.22 10.76 -9.96
N ILE A 224 10.28 11.45 -9.58
CA ILE A 224 10.80 11.39 -8.23
C ILE A 224 9.75 11.90 -7.24
N GLU A 225 9.05 12.97 -7.61
CA GLU A 225 8.03 13.55 -6.75
C GLU A 225 6.91 12.56 -6.48
N THR A 226 6.46 11.89 -7.53
CA THR A 226 5.39 10.91 -7.44
C THR A 226 5.80 9.75 -6.54
N PHE A 227 7.06 9.33 -6.66
CA PHE A 227 7.57 8.23 -5.85
C PHE A 227 7.53 8.57 -4.36
N ASP A 228 8.04 9.76 -4.01
CA ASP A 228 8.16 10.13 -2.60
C ASP A 228 6.79 10.53 -2.03
N ARG A 229 5.86 10.90 -2.90
CA ARG A 229 4.49 11.14 -2.47
C ARG A 229 3.86 9.83 -2.00
N TRP A 230 4.02 8.79 -2.81
CA TRP A 230 3.58 7.45 -2.44
C TRP A 230 4.28 6.97 -1.18
N LEU A 231 5.60 7.16 -1.13
CA LEU A 231 6.40 6.67 -0.02
C LEU A 231 6.07 7.34 1.31
N SER A 232 6.05 8.66 1.32
CA SER A 232 6.03 9.41 2.58
C SER A 232 5.36 10.77 2.51
N LEU A 233 4.50 10.97 1.52
CA LEU A 233 3.89 12.28 1.28
C LEU A 233 4.98 13.35 1.16
N ASN A 234 6.01 13.03 0.39
CA ASN A 234 7.11 13.94 0.10
C ASN A 234 7.86 14.43 1.35
N SER A 235 8.25 13.48 2.20
CA SER A 235 8.96 13.80 3.44
C SER A 235 10.46 13.56 3.33
N THR A 236 10.90 12.92 2.25
CA THR A 236 12.32 12.59 2.08
C THR A 236 13.12 13.79 1.56
N SER A 237 14.35 13.91 2.03
CA SER A 237 15.29 14.90 1.53
C SER A 237 15.39 14.86 0.00
N LYS A 238 15.13 15.99 -0.64
CA LYS A 238 15.11 16.03 -2.10
C LYS A 238 16.49 15.79 -2.71
N PRO A 239 17.55 16.36 -2.10
CA PRO A 239 18.89 16.00 -2.58
C PRO A 239 19.18 14.50 -2.47
N LYS A 240 18.71 13.87 -1.40
CA LYS A 240 18.90 12.44 -1.19
C LYS A 240 18.20 11.64 -2.28
N LEU A 241 16.96 12.03 -2.60
CA LEU A 241 16.20 11.38 -3.67
C LEU A 241 16.91 11.48 -5.01
N ARG A 242 17.50 12.63 -5.28
CA ARG A 242 18.21 12.85 -6.52
C ARG A 242 19.38 11.88 -6.66
N LYS A 243 20.11 11.67 -5.57
CA LYS A 243 21.24 10.76 -5.57
C LYS A 243 20.77 9.31 -5.76
N TRP A 244 19.71 8.93 -5.07
CA TRP A 244 19.17 7.58 -5.16
C TRP A 244 18.84 7.20 -6.60
N PHE A 245 18.09 8.07 -7.27
CA PHE A 245 17.72 7.84 -8.67
C PHE A 245 18.92 7.97 -9.59
N GLY A 246 19.80 8.92 -9.30
CA GLY A 246 20.95 9.18 -10.14
C GLY A 246 21.95 8.05 -10.13
N ASP A 247 22.17 7.46 -8.95
CA ASP A 247 23.15 6.39 -8.80
C ASP A 247 22.72 5.10 -9.49
N MSE A 248 21.43 5.00 -9.82
CA MSE A 248 20.95 3.83 -10.54
C MSE A 248 21.41 3.89 -12.00
O MSE A 248 21.57 2.86 -12.64
CB MSE A 248 19.43 3.72 -10.45
CG MSE A 248 18.94 3.39 -9.04
SE MSE A 248 17.00 3.28 -8.89
CE MSE A 248 16.71 1.60 -9.83
H MSE A 248 20.84 5.59 -9.65
HA MSE A 248 21.33 3.04 -10.14
HB2 MSE A 248 19.04 4.57 -10.70
HB3 MSE A 248 19.12 3.03 -11.05
HG2 MSE A 248 19.30 2.53 -8.78
HG3 MSE A 248 19.24 4.07 -8.43
HE1 MSE A 248 15.76 1.40 -9.84
HE2 MSE A 248 17.04 1.69 -10.74
HE3 MSE A 248 17.19 0.90 -9.37
N GLY A 249 21.61 5.10 -12.51
CA GLY A 249 22.14 5.27 -13.86
C GLY A 249 21.25 4.70 -14.95
N ASP A 250 21.83 3.94 -15.87
CA ASP A 250 21.09 3.43 -17.01
C ASP A 250 20.21 2.24 -16.65
N GLU A 251 20.08 1.95 -15.36
CA GLU A 251 19.05 1.01 -14.90
C GLU A 251 17.68 1.65 -15.09
N LEU A 252 17.66 2.97 -15.23
CA LEU A 252 16.43 3.72 -15.51
C LEU A 252 16.46 4.27 -16.93
N THR A 253 15.27 4.44 -17.50
CA THR A 253 15.11 5.06 -18.81
C THR A 253 14.11 6.21 -18.67
N GLU A 254 14.40 7.33 -19.30
CA GLU A 254 13.50 8.47 -19.27
C GLU A 254 12.44 8.34 -20.35
N VAL A 255 11.18 8.48 -19.96
CA VAL A 255 10.04 8.36 -20.86
C VAL A 255 9.26 9.66 -20.93
N ASP A 256 9.00 10.12 -22.15
CA ASP A 256 8.12 11.26 -22.38
C ASP A 256 6.69 10.74 -22.56
N VAL A 257 5.91 10.79 -21.48
CA VAL A 257 4.53 10.31 -21.52
C VAL A 257 3.57 11.47 -21.78
N GLU A 258 3.37 11.77 -23.07
CA GLU A 258 2.50 12.86 -23.49
C GLU A 258 2.81 14.15 -22.73
N GLY A 259 4.10 14.48 -22.68
CA GLY A 259 4.55 15.74 -22.08
C GLY A 259 5.24 15.57 -20.74
N ARG A 260 4.95 14.48 -20.03
CA ARG A 260 5.52 14.27 -18.71
C ARG A 260 6.78 13.41 -18.78
N LYS A 261 7.91 14.00 -18.41
CA LYS A 261 9.16 13.26 -18.31
C LYS A 261 9.12 12.43 -17.03
N ALA A 262 9.28 11.12 -17.18
CA ALA A 262 9.23 10.19 -16.06
C ALA A 262 10.24 9.07 -16.25
N PHE A 263 10.49 8.32 -15.18
CA PHE A 263 11.45 7.22 -15.21
C PHE A 263 10.74 5.86 -15.26
N VAL A 264 11.21 4.99 -16.15
CA VAL A 264 10.81 3.60 -16.15
C VAL A 264 12.07 2.75 -16.05
N LEU A 265 11.95 1.54 -15.50
CA LEU A 265 13.08 0.61 -15.51
C LEU A 265 13.45 0.27 -16.95
N THR A 266 14.73 0.32 -17.26
CA THR A 266 15.21 0.04 -18.60
C THR A 266 14.82 -1.37 -19.04
N GLU A 267 14.77 -2.30 -18.10
CA GLU A 267 14.40 -3.68 -18.40
C GLU A 267 12.93 -3.81 -18.84
N HIS A 268 12.15 -2.74 -18.66
CA HIS A 268 10.74 -2.73 -19.03
C HIS A 268 10.44 -1.77 -20.19
N ALA A 269 11.46 -1.09 -20.69
CA ALA A 269 11.27 -0.07 -21.71
C ALA A 269 10.67 -0.62 -23.00
N GLU A 270 11.29 -1.67 -23.55
CA GLU A 270 10.83 -2.28 -24.80
C GLU A 270 9.44 -2.87 -24.65
N GLU A 271 9.20 -3.52 -23.53
CA GLU A 271 7.91 -4.09 -23.21
C GLU A 271 6.80 -3.04 -23.20
N LEU A 272 7.09 -1.89 -22.60
CA LEU A 272 6.12 -0.80 -22.54
C LEU A 272 5.80 -0.27 -23.92
N ALA A 273 6.83 -0.07 -24.73
CA ALA A 273 6.67 0.47 -26.08
C ALA A 273 5.79 -0.43 -26.96
N ALA A 274 5.80 -1.72 -26.67
CA ALA A 274 5.07 -2.70 -27.48
C ALA A 274 3.66 -2.95 -26.94
N THR A 275 3.35 -2.39 -25.78
CA THR A 275 2.04 -2.61 -25.16
C THR A 275 0.96 -1.82 -25.88
N ALA A 276 -0.14 -2.49 -26.20
CA ALA A 276 -1.26 -1.85 -26.88
C ALA A 276 -2.03 -0.96 -25.90
N PRO A 277 -2.56 0.17 -26.39
CA PRO A 277 -3.31 1.11 -25.55
C PRO A 277 -4.41 0.44 -24.73
N CYS A 278 -4.58 0.86 -23.48
CA CYS A 278 -5.53 0.25 -22.57
C CYS A 278 -6.97 0.37 -23.08
N THR A 279 -7.69 -0.75 -23.03
CA THR A 279 -9.13 -0.77 -23.30
C THR A 279 -9.85 -1.65 -22.27
N GLY A 280 -11.12 -1.35 -22.02
CA GLY A 280 -11.96 -2.21 -21.21
C GLY A 280 -12.34 -1.64 -19.86
N ILE A 281 -13.19 -2.36 -19.15
CA ILE A 281 -13.69 -1.94 -17.84
C ILE A 281 -13.09 -2.80 -16.73
N ARG A 282 -12.80 -2.16 -15.60
CA ARG A 282 -12.33 -2.86 -14.43
C ARG A 282 -12.98 -2.25 -13.19
N LEU A 283 -13.51 -3.10 -12.31
CA LEU A 283 -14.08 -2.66 -11.04
C LEU A 283 -13.13 -2.99 -9.91
N LEU A 284 -12.55 -1.95 -9.32
CA LEU A 284 -11.59 -2.12 -8.24
C LEU A 284 -12.22 -1.76 -6.90
N GLY A 285 -11.84 -2.48 -5.86
CA GLY A 285 -12.32 -2.19 -4.51
C GLY A 285 -11.78 -0.87 -3.99
N GLY A 286 -12.17 -0.50 -2.79
CA GLY A 286 -11.69 0.73 -2.18
C GLY A 286 -10.21 0.66 -1.89
N PHE A 287 -9.58 1.83 -1.74
CA PHE A 287 -8.18 1.92 -1.35
C PHE A 287 -7.28 1.05 -2.22
N ASP A 288 -7.58 0.96 -3.53
CA ASP A 288 -6.84 0.05 -4.37
C ASP A 288 -5.49 0.63 -4.80
N GLN A 289 -4.49 -0.24 -4.82
CA GLN A 289 -3.12 0.15 -5.18
C GLN A 289 -3.00 0.72 -6.58
N TYR A 290 -3.90 0.35 -7.48
CA TYR A 290 -3.87 0.92 -8.83
C TYR A 290 -3.99 2.44 -8.74
N LEU A 291 -4.75 2.89 -7.76
CA LEU A 291 -4.93 4.32 -7.51
C LEU A 291 -3.83 4.89 -6.63
N LEU A 292 -3.52 4.20 -5.54
CA LEU A 292 -2.64 4.74 -4.52
C LEU A 292 -1.17 4.76 -4.94
N GLY A 293 -0.83 3.91 -5.91
CA GLY A 293 0.52 3.89 -6.43
C GLY A 293 0.89 5.24 -7.01
N PRO A 294 0.25 5.62 -8.12
CA PRO A 294 0.48 6.95 -8.71
C PRO A 294 -0.09 8.08 -7.86
N GLY A 295 -1.04 7.75 -7.00
CA GLY A 295 -1.69 8.73 -6.14
C GLY A 295 -3.01 9.23 -6.72
N THR A 296 -3.99 9.44 -5.86
CA THR A 296 -5.29 9.96 -6.29
C THR A 296 -5.17 11.37 -6.88
N LYS A 297 -4.05 12.03 -6.61
CA LYS A 297 -3.79 13.38 -7.10
C LYS A 297 -3.47 13.41 -8.60
N ASP A 298 -3.06 12.28 -9.17
CA ASP A 298 -2.63 12.25 -10.56
C ASP A 298 -3.80 12.51 -11.50
N GLU A 299 -3.76 13.65 -12.19
CA GLU A 299 -4.89 14.13 -12.96
C GLU A 299 -5.10 13.40 -14.30
N VAL A 300 -4.12 12.63 -14.75
CA VAL A 300 -4.29 11.87 -16.00
C VAL A 300 -5.14 10.62 -15.75
N VAL A 301 -5.20 10.19 -14.49
CA VAL A 301 -6.01 9.03 -14.10
C VAL A 301 -7.37 9.46 -13.59
N LEU A 302 -7.38 10.52 -12.77
CA LEU A 302 -8.58 11.00 -12.12
C LEU A 302 -8.71 12.51 -12.27
N ALA A 303 -9.72 12.94 -13.00
CA ALA A 303 -9.95 14.36 -13.24
C ALA A 303 -10.12 15.12 -11.92
N PRO A 304 -9.49 16.31 -11.81
CA PRO A 304 -9.50 17.02 -10.53
C PRO A 304 -10.91 17.39 -10.06
N GLU A 305 -11.81 17.67 -10.99
CA GLU A 305 -13.17 18.08 -10.61
C GLU A 305 -13.98 16.90 -10.07
N HIS A 306 -13.49 15.68 -10.29
CA HIS A 306 -14.18 14.47 -9.82
C HIS A 306 -13.46 13.82 -8.65
N ARG A 307 -12.42 14.45 -8.16
CA ARG A 307 -11.57 13.86 -7.12
C ARG A 307 -12.30 13.68 -5.79
N SER A 308 -13.14 14.65 -5.45
CA SER A 308 -13.85 14.63 -4.17
C SER A 308 -14.86 13.48 -4.09
N ALA A 309 -15.25 12.95 -5.24
CA ALA A 309 -16.17 11.81 -5.28
C ALA A 309 -15.45 10.51 -4.94
N VAL A 310 -14.13 10.49 -5.15
CA VAL A 310 -13.32 9.30 -4.87
C VAL A 310 -12.63 9.41 -3.51
N SER A 311 -11.86 10.48 -3.32
CA SER A 311 -11.12 10.71 -2.09
C SER A 311 -11.90 11.67 -1.19
N ARG A 312 -12.53 11.12 -0.16
CA ARG A 312 -13.42 11.90 0.71
C ARG A 312 -12.81 12.08 2.11
N ALA A 313 -13.63 12.56 3.05
CA ALA A 313 -13.15 12.91 4.39
C ALA A 313 -12.66 11.70 5.18
N ALA A 314 -11.80 11.96 6.16
CA ALA A 314 -11.18 10.92 6.98
C ALA A 314 -10.45 9.89 6.12
N GLY A 315 -10.02 10.29 4.93
CA GLY A 315 -9.16 9.48 4.10
C GLY A 315 -9.87 8.32 3.41
N TRP A 316 -11.18 8.41 3.25
CA TRP A 316 -11.94 7.38 2.53
C TRP A 316 -11.58 7.40 1.04
N ILE A 317 -11.14 6.26 0.53
CA ILE A 317 -10.87 6.09 -0.90
C ILE A 317 -11.89 5.11 -1.46
N SER A 318 -12.80 5.61 -2.29
CA SER A 318 -13.93 4.81 -2.77
C SER A 318 -13.50 3.72 -3.74
N PRO A 319 -14.32 2.66 -3.85
CA PRO A 319 -14.15 1.75 -4.98
C PRO A 319 -14.36 2.52 -6.28
N VAL A 320 -13.63 2.16 -7.34
CA VAL A 320 -13.68 2.94 -8.58
C VAL A 320 -13.97 2.09 -9.80
N VAL A 321 -14.61 2.73 -10.77
CA VAL A 321 -14.80 2.17 -12.11
C VAL A 321 -13.67 2.68 -12.99
N VAL A 322 -12.85 1.77 -13.47
CA VAL A 322 -11.75 2.13 -14.37
C VAL A 322 -12.11 1.75 -15.80
N LYS A 323 -12.10 2.74 -16.70
CA LYS A 323 -12.34 2.51 -18.12
C LYS A 323 -11.17 3.02 -18.94
N ASP A 324 -10.58 2.12 -19.72
CA ASP A 324 -9.39 2.44 -20.52
C ASP A 324 -8.26 2.98 -19.64
N GLY A 325 -8.21 2.53 -18.39
CA GLY A 325 -7.15 2.91 -17.47
C GLY A 325 -7.44 4.12 -16.60
N ARG A 326 -8.51 4.85 -16.92
CA ARG A 326 -8.87 6.06 -16.18
C ARG A 326 -10.07 5.83 -15.27
N VAL A 327 -10.08 6.50 -14.12
CA VAL A 327 -11.22 6.44 -13.21
C VAL A 327 -12.37 7.26 -13.80
N VAL A 328 -13.52 6.62 -13.99
CA VAL A 328 -14.67 7.27 -14.63
C VAL A 328 -15.93 7.19 -13.75
N GLY A 329 -15.77 6.73 -12.52
CA GLY A 329 -16.88 6.63 -11.60
C GLY A 329 -16.53 5.85 -10.34
N VAL A 330 -17.52 5.72 -9.46
CA VAL A 330 -17.37 4.92 -8.24
C VAL A 330 -18.48 3.89 -8.16
N TRP A 331 -18.34 2.95 -7.22
CA TRP A 331 -19.38 1.95 -7.00
C TRP A 331 -19.41 1.51 -5.54
N GLU A 332 -20.49 0.84 -5.19
CA GLU A 332 -20.77 0.47 -3.81
C GLU A 332 -21.74 -0.70 -3.81
N ILE A 333 -21.55 -1.64 -2.88
CA ILE A 333 -22.49 -2.73 -2.71
C ILE A 333 -23.59 -2.30 -1.76
N VAL A 334 -24.81 -2.20 -2.28
CA VAL A 334 -25.98 -1.80 -1.50
C VAL A 334 -27.08 -2.85 -1.65
N ASP A 335 -27.53 -3.40 -0.52
CA ASP A 335 -28.56 -4.43 -0.51
C ASP A 335 -28.13 -5.58 -1.42
N GLN A 336 -26.84 -5.92 -1.35
CA GLN A 336 -26.25 -6.98 -2.17
C GLN A 336 -26.50 -6.75 -3.65
N GLU A 337 -26.50 -5.48 -4.05
CA GLU A 337 -26.50 -5.08 -5.45
C GLU A 337 -25.30 -4.18 -5.68
N LEU A 338 -24.67 -4.33 -6.85
CA LEU A 338 -23.53 -3.48 -7.19
C LEU A 338 -24.06 -2.21 -7.86
N VAL A 339 -24.04 -1.12 -7.11
CA VAL A 339 -24.53 0.16 -7.59
C VAL A 339 -23.40 0.99 -8.15
N VAL A 340 -23.44 1.24 -9.46
CA VAL A 340 -22.42 2.04 -10.14
C VAL A 340 -22.90 3.47 -10.33
N THR A 341 -22.05 4.41 -9.93
CA THR A 341 -22.34 5.84 -10.11
C THR A 341 -21.24 6.48 -10.96
N PRO A 342 -21.44 6.52 -12.29
CA PRO A 342 -20.45 7.20 -13.13
C PRO A 342 -20.44 8.70 -12.91
N PHE A 343 -19.33 9.36 -13.24
CA PHE A 343 -19.26 10.81 -13.21
C PHE A 343 -20.18 11.37 -14.29
N PRO A 344 -20.60 12.63 -14.14
CA PRO A 344 -21.52 13.28 -15.10
C PRO A 344 -21.06 13.20 -16.56
N ASP A 345 -19.78 13.43 -16.82
CA ASP A 345 -19.27 13.51 -18.19
C ASP A 345 -18.68 12.20 -18.66
N THR A 346 -19.03 11.09 -17.99
CA THR A 346 -18.48 9.79 -18.33
C THR A 346 -19.29 9.15 -19.46
N GLU A 347 -18.59 8.45 -20.35
CA GLU A 347 -19.21 7.78 -21.48
C GLU A 347 -20.12 6.65 -21.01
N ARG A 348 -21.15 6.33 -21.79
CA ARG A 348 -22.08 5.26 -21.44
C ARG A 348 -21.33 3.94 -21.26
N LEU A 349 -21.45 3.36 -20.07
CA LEU A 349 -20.77 2.11 -19.75
C LEU A 349 -21.53 0.92 -20.33
N PRO A 350 -20.85 0.08 -21.14
CA PRO A 350 -21.53 -1.10 -21.69
C PRO A 350 -22.04 -2.03 -20.59
N VAL A 351 -23.36 -2.21 -20.53
CA VAL A 351 -23.97 -2.91 -19.40
C VAL A 351 -23.46 -4.34 -19.24
N LYS A 352 -23.18 -5.00 -20.35
CA LYS A 352 -22.75 -6.39 -20.29
C LYS A 352 -21.33 -6.52 -19.77
N ALA A 353 -20.48 -5.55 -20.10
CA ALA A 353 -19.11 -5.53 -19.58
C ALA A 353 -19.13 -5.29 -18.08
N VAL A 354 -20.00 -4.39 -17.64
CA VAL A 354 -20.14 -4.09 -16.22
C VAL A 354 -20.65 -5.32 -15.46
N GLU A 355 -21.64 -6.00 -16.04
CA GLU A 355 -22.22 -7.18 -15.41
C GLU A 355 -21.20 -8.31 -15.28
N LYS A 356 -20.28 -8.40 -16.24
CA LYS A 356 -19.23 -9.40 -16.17
C LYS A 356 -18.28 -9.11 -15.02
N GLU A 357 -17.96 -7.83 -14.85
CA GLU A 357 -17.12 -7.41 -13.72
C GLU A 357 -17.85 -7.65 -12.40
N ALA A 358 -19.15 -7.41 -12.38
CA ALA A 358 -19.95 -7.62 -11.17
C ALA A 358 -19.87 -9.09 -10.73
N ALA A 359 -19.86 -10.00 -11.69
CA ALA A 359 -19.78 -11.42 -11.41
C ALA A 359 -18.42 -11.78 -10.81
N HIS A 360 -17.38 -11.09 -11.28
CA HIS A 360 -16.04 -11.26 -10.75
C HIS A 360 -15.96 -10.72 -9.32
N VAL A 361 -16.57 -9.57 -9.09
CA VAL A 361 -16.63 -8.97 -7.76
C VAL A 361 -17.47 -9.83 -6.82
N ALA A 362 -18.53 -10.42 -7.35
CA ALA A 362 -19.40 -11.28 -6.56
C ALA A 362 -18.61 -12.46 -6.00
N ARG A 363 -17.83 -13.11 -6.87
CA ARG A 363 -17.03 -14.25 -6.47
C ARG A 363 -15.97 -13.83 -5.46
N ALA A 364 -15.39 -12.65 -5.66
CA ALA A 364 -14.39 -12.11 -4.74
C ALA A 364 -15.00 -11.71 -3.41
N SER A 365 -16.32 -11.56 -3.37
CA SER A 365 -17.03 -11.18 -2.15
C SER A 365 -17.65 -12.39 -1.45
N GLY A 366 -17.61 -13.54 -2.11
CA GLY A 366 -18.14 -14.77 -1.54
C GLY A 366 -19.66 -14.86 -1.63
N VAL A 367 -20.23 -14.22 -2.63
CA VAL A 367 -21.66 -14.31 -2.89
C VAL A 367 -21.91 -14.81 -4.30
N SER A 368 -23.10 -15.33 -4.55
CA SER A 368 -23.43 -15.98 -5.82
C SER A 368 -23.69 -14.98 -6.93
N ARG A 369 -24.29 -13.84 -6.60
CA ARG A 369 -24.70 -12.87 -7.61
C ARG A 369 -24.72 -11.46 -7.07
N LEU A 370 -24.39 -10.50 -7.94
CA LEU A 370 -24.53 -9.09 -7.64
C LEU A 370 -25.23 -8.39 -8.80
N PRO A 371 -26.57 -8.26 -8.71
CA PRO A 371 -27.29 -7.49 -9.73
C PRO A 371 -26.72 -6.08 -9.85
N VAL A 372 -26.72 -5.54 -11.06
CA VAL A 372 -26.14 -4.22 -11.33
C VAL A 372 -27.21 -3.15 -11.48
N ARG A 373 -26.94 -1.99 -10.89
CA ARG A 373 -27.73 -0.79 -11.12
C ARG A 373 -26.77 0.36 -11.45
N ILE A 374 -26.97 0.99 -12.60
CA ILE A 374 -26.17 2.14 -12.99
C ILE A 374 -26.98 3.42 -12.80
N VAL A 375 -26.50 4.27 -11.90
CA VAL A 375 -27.26 5.43 -11.44
C VAL A 375 -26.77 6.73 -12.08
#